data_4QE8
#
_entry.id   4QE8
#
_cell.length_a   34.483
_cell.length_b   48.683
_cell.length_c   82.201
_cell.angle_alpha   88.89
_cell.angle_beta   78.10
_cell.angle_gamma   85.07
#
_symmetry.space_group_name_H-M   'P 1'
#
loop_
_entity.id
_entity.type
_entity.pdbx_description
1 polymer 'Bile acid receptor'
2 polymer 'Nuclear receptor coactivator 2'
3 non-polymer '4-({2-[(4-tert-butylbenzoyl)amino]benzoyl}amino)benzoic acid'
4 non-polymer 1,2-ETHANEDIOL
5 non-polymer (4R)-2-METHYLPENTANE-2,4-DIOL
6 water water
#
loop_
_entity_poly.entity_id
_entity_poly.type
_entity_poly.pdbx_seq_one_letter_code
_entity_poly.pdbx_strand_id
1 'polypeptide(L)'
;GSHMELTPDQQTLLHFIMDSYNKQRMPQEITNKILKEEFSAEENFLILTEMATNHVQVLVEFTKKLPGFQTLDHEDQIAL
LKGSAVEAMFLRSAEIFNKKLPSGHSDLLEERIRNSGISDEYITPMFSFYKSIGELKMTQEEYALLTAIVILSPDRQYIK
DREAVEKLQEPLLDVLQKLCKIHQPENPQHFACLLGRLTELRTFNHHHAEMLMSWRVNDHKFTPLLCEIWDVQ
;
A,B
2 'polypeptide(L)' KENALLRYLLDKD C,D
#
# COMPACT_ATOMS: atom_id res chain seq x y z
N MET A 4 -12.13 4.13 -39.88
CA MET A 4 -13.54 4.51 -39.88
C MET A 4 -13.83 5.51 -38.75
N GLU A 5 -15.07 5.51 -38.28
CA GLU A 5 -15.49 6.42 -37.22
C GLU A 5 -15.92 5.64 -35.97
N LEU A 6 -15.45 6.09 -34.82
CA LEU A 6 -15.73 5.40 -33.57
C LEU A 6 -17.21 5.40 -33.26
N THR A 7 -17.70 4.26 -32.81
CA THR A 7 -19.08 4.13 -32.36
C THR A 7 -19.20 4.86 -31.03
N PRO A 8 -20.43 5.12 -30.61
CA PRO A 8 -20.65 5.85 -29.36
C PRO A 8 -20.06 5.09 -28.18
N ASP A 9 -20.20 3.77 -28.19
CA ASP A 9 -19.60 2.93 -27.16
C ASP A 9 -18.08 3.03 -27.22
N GLN A 10 -17.55 3.02 -28.44
CA GLN A 10 -16.11 3.13 -28.65
C GLN A 10 -15.58 4.46 -28.14
N GLN A 11 -16.36 5.51 -28.36
CA GLN A 11 -16.00 6.85 -27.91
C GLN A 11 -15.93 6.88 -26.39
N THR A 12 -16.87 6.20 -25.75
CA THR A 12 -16.91 6.12 -24.30
C THR A 12 -15.68 5.41 -23.77
N LEU A 13 -15.28 4.33 -24.42
CA LEU A 13 -14.12 3.55 -24.00
C LEU A 13 -12.84 4.36 -24.09
N LEU A 14 -12.67 5.12 -25.16
CA LEU A 14 -11.45 5.89 -25.36
C LEU A 14 -11.26 6.96 -24.29
N HIS A 15 -12.34 7.66 -23.96
CA HIS A 15 -12.28 8.69 -22.93
C HIS A 15 -11.93 8.10 -21.57
N PHE A 16 -12.50 6.94 -21.26
CA PHE A 16 -12.23 6.31 -19.98
C PHE A 16 -10.75 5.96 -19.88
N ILE A 17 -10.22 5.38 -20.94
CA ILE A 17 -8.80 5.06 -21.02
C ILE A 17 -7.96 6.34 -20.97
N MET A 18 -8.40 7.36 -21.70
CA MET A 18 -7.70 8.62 -21.74
C MET A 18 -7.68 9.31 -20.37
N ASP A 19 -8.81 9.30 -19.67
CA ASP A 19 -8.87 9.94 -18.36
C ASP A 19 -7.95 9.28 -17.35
N SER A 20 -7.99 7.96 -17.29
CA SER A 20 -7.11 7.21 -16.40
C SER A 20 -5.63 7.33 -16.78
N TYR A 21 -5.35 7.28 -18.07
CA TYR A 21 -3.97 7.37 -18.54
C TYR A 21 -3.35 8.75 -18.29
N ASN A 22 -4.13 9.80 -18.49
CA ASN A 22 -3.61 11.15 -18.31
C ASN A 22 -3.40 11.55 -16.86
N LYS A 23 -3.66 10.62 -15.95
CA LYS A 23 -3.37 10.81 -14.54
C LYS A 23 -1.89 10.54 -14.28
N GLN A 24 -1.19 10.08 -15.32
CA GLN A 24 0.23 9.81 -15.26
C GLN A 24 0.95 10.91 -14.50
N ARG A 25 1.82 10.52 -13.58
CA ARG A 25 2.57 11.48 -12.79
C ARG A 25 4.06 11.21 -12.86
N MET A 26 4.84 12.26 -12.74
CA MET A 26 6.29 12.17 -12.63
C MET A 26 6.72 13.07 -11.48
N PRO A 27 6.87 12.42 -10.24
CA PRO A 27 7.14 13.36 -9.13
C PRO A 27 8.30 14.32 -9.37
N GLN A 28 8.04 15.60 -9.19
CA GLN A 28 9.07 16.62 -9.34
C GLN A 28 10.32 16.19 -8.60
N GLU A 29 10.13 15.31 -7.61
CA GLU A 29 11.24 14.80 -6.83
C GLU A 29 12.15 13.92 -7.68
N ILE A 30 11.54 13.11 -8.54
CA ILE A 30 12.29 12.23 -9.42
C ILE A 30 12.94 13.03 -10.55
N THR A 31 12.24 14.05 -11.01
CA THR A 31 12.73 14.90 -12.09
C THR A 31 13.97 15.67 -11.65
N ASN A 32 13.96 16.17 -10.42
CA ASN A 32 15.09 16.95 -9.92
C ASN A 32 16.31 16.11 -9.57
N LYS A 33 16.11 14.82 -9.32
CA LYS A 33 17.23 13.93 -9.07
C LYS A 33 18.02 13.69 -10.35
N ILE A 34 17.33 13.42 -11.44
CA ILE A 34 18.01 13.17 -12.70
C ILE A 34 18.80 14.39 -13.16
N LEU A 35 18.15 15.55 -13.12
CA LEU A 35 18.80 16.79 -13.52
C LEU A 35 19.96 17.27 -12.63
N LYS A 36 19.78 17.19 -11.32
CA LYS A 36 20.80 17.61 -10.37
C LYS A 36 20.94 16.60 -9.23
N GLU A 37 21.81 15.62 -9.42
CA GLU A 37 22.04 14.60 -8.41
C GLU A 37 23.39 13.91 -8.61
N GLU A 38 23.93 13.35 -7.54
CA GLU A 38 25.22 12.67 -7.60
C GLU A 38 25.30 11.76 -8.81
N PHE A 39 26.13 12.15 -9.78
CA PHE A 39 26.30 11.36 -11.00
C PHE A 39 27.24 10.18 -10.78
N SER A 40 26.69 9.07 -10.30
CA SER A 40 27.48 7.88 -10.05
C SER A 40 26.68 6.66 -10.51
N ALA A 41 27.37 5.54 -10.71
CA ALA A 41 26.67 4.34 -11.14
C ALA A 41 25.67 3.91 -10.07
N GLU A 42 26.10 3.96 -8.82
CA GLU A 42 25.23 3.62 -7.71
C GLU A 42 24.06 4.59 -7.58
N GLU A 43 24.35 5.89 -7.63
CA GLU A 43 23.30 6.90 -7.54
C GLU A 43 22.34 6.85 -8.72
N ASN A 44 22.89 6.65 -9.92
CA ASN A 44 22.07 6.55 -11.13
C ASN A 44 21.13 5.34 -11.09
N PHE A 45 21.64 4.23 -10.59
CA PHE A 45 20.84 3.01 -10.48
C PHE A 45 19.67 3.22 -9.54
N LEU A 46 19.93 3.94 -8.45
CA LEU A 46 18.90 4.24 -7.46
C LEU A 46 17.78 5.09 -8.04
N ILE A 47 18.13 6.06 -8.87
CA ILE A 47 17.15 6.92 -9.50
C ILE A 47 16.25 6.09 -10.41
N LEU A 48 16.87 5.15 -11.12
CA LEU A 48 16.14 4.27 -12.02
C LEU A 48 15.15 3.41 -11.26
N THR A 49 15.58 2.93 -10.10
CA THR A 49 14.72 2.11 -9.25
C THR A 49 13.50 2.89 -8.76
N GLU A 50 13.73 4.13 -8.37
CA GLU A 50 12.65 4.99 -7.92
C GLU A 50 11.64 5.24 -9.03
N MET A 51 12.14 5.49 -10.22
CA MET A 51 11.28 5.69 -11.38
C MET A 51 10.49 4.43 -11.68
N ALA A 52 11.17 3.28 -11.61
CA ALA A 52 10.52 2.00 -11.87
C ALA A 52 9.43 1.72 -10.84
N THR A 53 9.72 1.99 -9.58
CA THR A 53 8.74 1.83 -8.52
C THR A 53 7.55 2.77 -8.70
N ASN A 54 7.84 4.00 -9.11
CA ASN A 54 6.80 4.99 -9.37
C ASN A 54 5.88 4.55 -10.51
N HIS A 55 6.47 3.96 -11.55
CA HIS A 55 5.70 3.50 -12.70
C HIS A 55 4.72 2.39 -12.30
N VAL A 56 5.17 1.49 -11.43
CA VAL A 56 4.34 0.39 -11.00
C VAL A 56 3.11 0.89 -10.28
N GLN A 57 3.29 1.91 -9.44
CA GLN A 57 2.17 2.50 -8.72
C GLN A 57 1.19 3.12 -9.71
N VAL A 58 1.72 3.81 -10.70
CA VAL A 58 0.90 4.37 -11.77
C VAL A 58 0.24 3.26 -12.58
N LEU A 59 1.01 2.21 -12.86
CA LEU A 59 0.52 1.08 -13.64
C LEU A 59 -0.64 0.36 -12.95
N VAL A 60 -0.53 0.20 -11.64
CA VAL A 60 -1.59 -0.44 -10.87
C VAL A 60 -2.88 0.36 -10.93
N GLU A 61 -2.76 1.68 -10.79
CA GLU A 61 -3.92 2.56 -10.87
C GLU A 61 -4.57 2.51 -12.24
N PHE A 62 -3.76 2.56 -13.29
CA PHE A 62 -4.26 2.47 -14.65
C PHE A 62 -4.91 1.12 -14.94
N THR A 63 -4.28 0.04 -14.48
CA THR A 63 -4.82 -1.30 -14.67
C THR A 63 -6.16 -1.55 -13.96
N LYS A 64 -6.27 -1.14 -12.70
CA LYS A 64 -7.51 -1.34 -11.94
C LYS A 64 -8.67 -0.58 -12.56
N LYS A 65 -8.39 0.62 -13.04
CA LYS A 65 -9.39 1.49 -13.65
C LYS A 65 -9.83 1.01 -15.03
N LEU A 66 -9.10 0.05 -15.59
CA LEU A 66 -9.39 -0.38 -16.95
C LEU A 66 -10.80 -0.93 -17.03
N PRO A 67 -11.53 -0.60 -18.09
CA PRO A 67 -12.93 -1.04 -18.16
C PRO A 67 -13.03 -2.56 -18.20
N GLY A 68 -13.80 -3.10 -17.27
CA GLY A 68 -14.05 -4.53 -17.18
C GLY A 68 -12.96 -5.29 -16.46
N PHE A 69 -11.91 -4.60 -16.04
CA PHE A 69 -10.83 -5.23 -15.28
C PHE A 69 -11.32 -5.77 -13.94
N GLN A 70 -12.23 -5.04 -13.31
CA GLN A 70 -12.76 -5.43 -12.00
C GLN A 70 -13.58 -6.72 -12.07
N THR A 71 -14.10 -7.01 -13.25
CA THR A 71 -14.89 -8.21 -13.51
C THR A 71 -14.06 -9.51 -13.43
N LEU A 72 -12.82 -9.40 -13.86
CA LEU A 72 -11.94 -10.56 -14.03
C LEU A 72 -11.56 -11.17 -12.70
N ASP A 73 -11.15 -12.44 -12.76
CA ASP A 73 -10.80 -13.19 -11.58
C ASP A 73 -9.63 -12.52 -10.89
N HIS A 74 -9.64 -12.56 -9.56
CA HIS A 74 -8.65 -11.87 -8.75
C HIS A 74 -7.25 -12.39 -9.04
N GLU A 75 -7.13 -13.70 -9.22
CA GLU A 75 -5.86 -14.30 -9.60
C GLU A 75 -5.44 -13.78 -10.96
N ASP A 76 -6.42 -13.68 -11.86
CA ASP A 76 -6.18 -13.20 -13.21
C ASP A 76 -5.70 -11.75 -13.20
N GLN A 77 -6.27 -10.94 -12.33
CA GLN A 77 -5.89 -9.53 -12.27
C GLN A 77 -4.41 -9.40 -11.88
N ILE A 78 -4.00 -10.15 -10.86
CA ILE A 78 -2.61 -10.16 -10.44
C ILE A 78 -1.72 -10.71 -11.55
N ALA A 79 -2.19 -11.76 -12.21
CA ALA A 79 -1.44 -12.37 -13.31
C ALA A 79 -1.25 -11.40 -14.47
N LEU A 80 -2.31 -10.68 -14.81
CA LEU A 80 -2.22 -9.66 -15.85
C LEU A 80 -1.27 -8.53 -15.44
N LEU A 81 -1.38 -8.09 -14.19
CA LEU A 81 -0.52 -7.04 -13.67
C LEU A 81 0.95 -7.47 -13.62
N LYS A 82 1.21 -8.68 -13.15
CA LYS A 82 2.57 -9.21 -13.14
C LYS A 82 3.14 -9.40 -14.56
N GLY A 83 2.30 -9.90 -15.47
CA GLY A 83 2.68 -10.14 -16.84
C GLY A 83 3.07 -8.90 -17.64
N SER A 84 2.35 -7.81 -17.40
CA SER A 84 2.52 -6.58 -18.18
C SER A 84 3.54 -5.58 -17.65
N ALA A 85 4.13 -5.86 -16.49
CA ALA A 85 4.94 -4.86 -15.84
C ALA A 85 6.18 -4.45 -16.63
N VAL A 86 6.95 -5.41 -17.12
CA VAL A 86 8.14 -5.09 -17.89
C VAL A 86 7.81 -4.38 -19.20
N GLU A 87 6.85 -4.91 -19.95
CA GLU A 87 6.48 -4.34 -21.22
C GLU A 87 5.90 -2.94 -21.07
N ALA A 88 5.02 -2.77 -20.08
CA ALA A 88 4.41 -1.48 -19.82
C ALA A 88 5.46 -0.46 -19.40
N MET A 89 6.40 -0.88 -18.56
CA MET A 89 7.43 0.02 -18.09
C MET A 89 8.29 0.53 -19.23
N PHE A 90 8.73 -0.37 -20.09
CA PHE A 90 9.56 0.00 -21.23
C PHE A 90 8.82 0.90 -22.21
N LEU A 91 7.56 0.56 -22.49
CA LEU A 91 6.73 1.41 -23.34
C LEU A 91 6.47 2.76 -22.69
N ARG A 92 6.18 2.74 -21.41
CA ARG A 92 5.95 3.99 -20.67
C ARG A 92 7.20 4.84 -20.64
N SER A 93 8.35 4.20 -20.43
CA SER A 93 9.64 4.88 -20.47
C SER A 93 9.93 5.44 -21.87
N ALA A 94 9.54 4.68 -22.87
CA ALA A 94 9.68 5.05 -24.27
C ALA A 94 8.87 6.31 -24.56
N GLU A 95 7.70 6.43 -23.93
CA GLU A 95 6.83 7.56 -24.18
C GLU A 95 7.47 8.87 -23.73
N ILE A 96 8.56 8.76 -22.97
CA ILE A 96 9.22 9.96 -22.45
C ILE A 96 10.11 10.62 -23.49
N PHE A 97 9.56 10.81 -24.69
CA PHE A 97 10.13 11.71 -25.67
C PHE A 97 9.29 12.99 -25.66
N ASN A 98 7.98 12.81 -25.66
CA ASN A 98 7.06 13.95 -25.55
C ASN A 98 7.20 14.66 -24.21
N LYS A 99 7.30 13.89 -23.14
CA LYS A 99 7.19 14.42 -21.79
C LYS A 99 8.38 15.27 -21.32
N LYS A 100 9.59 14.74 -21.47
CA LYS A 100 10.78 15.44 -21.01
C LYS A 100 11.64 15.97 -22.17
N LEU A 101 12.13 17.19 -22.02
CA LEU A 101 13.03 17.77 -23.01
C LEU A 101 14.43 17.91 -22.43
N GLY A 104 17.13 18.21 -22.77
CA GLY A 104 18.05 18.43 -21.67
C GLY A 104 18.02 17.28 -20.68
N HIS A 105 16.83 17.02 -20.14
CA HIS A 105 16.65 15.95 -19.18
C HIS A 105 16.96 14.60 -19.79
N SER A 106 16.56 14.42 -21.05
CA SER A 106 16.73 13.14 -21.74
C SER A 106 18.21 12.78 -21.86
N ASP A 107 19.04 13.77 -22.17
CA ASP A 107 20.46 13.53 -22.28
C ASP A 107 20.99 13.10 -20.92
N LEU A 108 20.58 13.81 -19.88
CA LEU A 108 20.97 13.44 -18.53
C LEU A 108 20.41 12.06 -18.18
N LEU A 109 19.13 11.86 -18.48
CA LEU A 109 18.48 10.60 -18.17
C LEU A 109 19.13 9.46 -18.93
N GLU A 110 19.42 9.68 -20.21
CA GLU A 110 20.04 8.65 -21.03
C GLU A 110 21.42 8.29 -20.50
N GLU A 111 22.21 9.31 -20.15
CA GLU A 111 23.54 9.08 -19.61
C GLU A 111 23.50 8.31 -18.29
N ARG A 112 22.55 8.67 -17.44
CA ARG A 112 22.38 7.99 -16.16
C ARG A 112 22.02 6.52 -16.40
N ILE A 113 21.18 6.30 -17.42
CA ILE A 113 20.77 4.94 -17.78
C ILE A 113 21.93 4.12 -18.35
N ARG A 114 22.83 4.79 -19.07
CA ARG A 114 23.97 4.12 -19.69
C ARG A 114 25.09 3.89 -18.68
N ASN A 115 24.98 4.55 -17.53
CA ASN A 115 25.99 4.47 -16.48
C ASN A 115 25.47 3.77 -15.22
N SER A 116 24.33 3.11 -15.37
CA SER A 116 23.65 2.43 -14.27
C SER A 116 24.38 1.18 -13.82
N GLY A 117 25.38 0.77 -14.61
CA GLY A 117 26.06 -0.49 -14.38
C GLY A 117 25.38 -1.63 -15.11
N ILE A 118 24.31 -1.31 -15.81
CA ILE A 118 23.64 -2.27 -16.68
C ILE A 118 24.59 -2.60 -17.82
N SER A 119 24.57 -3.85 -18.27
CA SER A 119 25.46 -4.24 -19.37
C SER A 119 25.09 -3.49 -20.65
N ASP A 120 26.10 -3.25 -21.48
CA ASP A 120 25.94 -2.49 -22.71
C ASP A 120 24.96 -3.14 -23.69
N GLU A 121 24.94 -4.46 -23.71
CA GLU A 121 24.12 -5.21 -24.66
C GLU A 121 22.65 -4.90 -24.48
N TYR A 122 22.21 -4.85 -23.22
CA TYR A 122 20.83 -4.53 -22.90
C TYR A 122 20.48 -3.10 -23.31
N ILE A 123 21.42 -2.19 -23.12
CA ILE A 123 21.20 -0.78 -23.42
C ILE A 123 20.94 -0.52 -24.90
N THR A 124 21.70 -1.17 -25.78
CA THR A 124 21.58 -0.91 -27.20
C THR A 124 20.20 -1.24 -27.73
N PRO A 125 19.68 -2.43 -27.39
CA PRO A 125 18.35 -2.80 -27.88
C PRO A 125 17.25 -1.88 -27.37
N MET A 126 17.24 -1.58 -26.07
CA MET A 126 16.20 -0.74 -25.50
C MET A 126 16.22 0.69 -26.05
N PHE A 127 17.41 1.28 -26.14
CA PHE A 127 17.57 2.61 -26.70
C PHE A 127 17.17 2.62 -28.17
N SER A 128 17.47 1.53 -28.86
CA SER A 128 17.09 1.38 -30.25
C SER A 128 15.57 1.43 -30.30
N PHE A 129 14.95 0.80 -29.31
CA PHE A 129 13.49 0.77 -29.19
C PHE A 129 12.93 2.17 -28.98
N TYR A 130 13.57 2.96 -28.11
CA TYR A 130 13.11 4.32 -27.89
C TYR A 130 13.24 5.12 -29.18
N LYS A 131 14.38 4.99 -29.83
CA LYS A 131 14.60 5.64 -31.12
C LYS A 131 13.62 5.09 -32.16
N SER A 132 13.45 3.77 -32.18
CA SER A 132 12.51 3.12 -33.09
C SER A 132 11.06 3.52 -32.83
N ILE A 133 10.68 3.61 -31.56
CA ILE A 133 9.33 4.02 -31.17
C ILE A 133 9.03 5.45 -31.59
N GLY A 134 10.07 6.29 -31.59
CA GLY A 134 9.98 7.68 -31.99
C GLY A 134 9.54 7.85 -33.43
N GLU A 135 9.95 6.91 -34.27
CA GLU A 135 9.67 6.96 -35.70
C GLU A 135 8.17 6.92 -35.94
N LEU A 136 7.48 6.16 -35.10
CA LEU A 136 6.03 6.02 -35.17
C LEU A 136 5.35 7.36 -34.93
N LYS A 137 5.93 8.19 -34.07
CA LYS A 137 5.34 9.48 -33.75
C LYS A 137 3.90 9.32 -33.24
N MET A 138 3.73 8.33 -32.37
CA MET A 138 2.42 7.99 -31.84
C MET A 138 1.82 9.11 -31.01
N THR A 139 0.50 9.26 -31.12
CA THR A 139 -0.25 10.18 -30.29
C THR A 139 -0.39 9.61 -28.89
N GLN A 140 -0.78 10.46 -27.95
CA GLN A 140 -0.97 10.05 -26.57
C GLN A 140 -2.06 8.99 -26.51
N GLU A 141 -3.07 9.17 -27.35
CA GLU A 141 -4.18 8.23 -27.41
C GLU A 141 -3.68 6.86 -27.86
N GLU A 142 -2.75 6.86 -28.80
CA GLU A 142 -2.14 5.62 -29.27
C GLU A 142 -1.38 4.94 -28.15
N TYR A 143 -0.63 5.72 -27.38
CA TYR A 143 0.16 5.17 -26.28
C TYR A 143 -0.75 4.55 -25.23
N ALA A 144 -1.84 5.24 -24.90
CA ALA A 144 -2.78 4.74 -23.92
C ALA A 144 -3.45 3.44 -24.37
N LEU A 145 -3.92 3.41 -25.60
CA LEU A 145 -4.56 2.22 -26.15
C LEU A 145 -3.58 1.05 -26.21
N LEU A 146 -2.37 1.33 -26.67
CA LEU A 146 -1.34 0.31 -26.78
C LEU A 146 -0.97 -0.28 -25.41
N THR A 147 -0.83 0.59 -24.41
CA THR A 147 -0.52 0.12 -23.06
C THR A 147 -1.63 -0.75 -22.50
N ALA A 148 -2.88 -0.34 -22.73
CA ALA A 148 -4.03 -1.10 -22.26
C ALA A 148 -4.08 -2.47 -22.92
N ILE A 149 -3.79 -2.51 -24.21
CA ILE A 149 -3.76 -3.78 -24.94
C ILE A 149 -2.67 -4.69 -24.40
N VAL A 150 -1.52 -4.12 -24.09
CA VAL A 150 -0.42 -4.89 -23.52
C VAL A 150 -0.82 -5.47 -22.16
N ILE A 151 -1.44 -4.63 -21.34
CA ILE A 151 -1.89 -5.07 -20.02
C ILE A 151 -2.96 -6.15 -20.12
N LEU A 152 -3.95 -5.92 -20.97
CA LEU A 152 -5.03 -6.88 -21.12
C LEU A 152 -4.65 -7.95 -22.13
N SER A 153 -3.70 -8.81 -21.76
CA SER A 153 -3.22 -9.85 -22.68
C SER A 153 -3.73 -11.25 -22.32
N PRO A 154 -4.38 -11.91 -23.27
CA PRO A 154 -4.84 -13.29 -23.08
C PRO A 154 -3.66 -14.25 -22.87
N ASP A 155 -2.54 -13.94 -23.51
CA ASP A 155 -1.35 -14.79 -23.57
C ASP A 155 -0.55 -14.91 -22.28
N ARG A 156 -0.86 -14.09 -21.29
CA ARG A 156 -0.08 -14.06 -20.07
C ARG A 156 -0.15 -15.39 -19.32
N GLN A 157 0.97 -15.76 -18.72
CA GLN A 157 1.07 -17.00 -17.96
C GLN A 157 0.18 -16.98 -16.72
N TYR A 158 -0.36 -18.13 -16.37
CA TYR A 158 -1.21 -18.28 -15.18
C TYR A 158 -2.61 -17.68 -15.26
N ILE A 159 -3.15 -17.53 -16.47
CA ILE A 159 -4.49 -16.98 -16.58
C ILE A 159 -5.51 -18.11 -16.60
N LYS A 160 -6.35 -18.17 -15.57
CA LYS A 160 -7.40 -19.17 -15.52
C LYS A 160 -8.43 -19.03 -16.64
N ASP A 161 -8.79 -17.78 -16.97
CA ASP A 161 -9.81 -17.52 -17.98
C ASP A 161 -9.32 -16.55 -19.06
N ARG A 162 -8.62 -17.09 -20.04
CA ARG A 162 -8.05 -16.32 -21.14
C ARG A 162 -9.08 -15.63 -22.02
N GLU A 163 -10.20 -16.30 -22.25
CA GLU A 163 -11.25 -15.77 -23.13
C GLU A 163 -11.85 -14.47 -22.62
N ALA A 164 -12.03 -14.36 -21.32
CA ALA A 164 -12.57 -13.15 -20.71
C ALA A 164 -11.63 -11.97 -20.94
N VAL A 165 -10.33 -12.23 -20.83
CA VAL A 165 -9.32 -11.23 -21.12
C VAL A 165 -9.36 -10.82 -22.59
N GLU A 166 -9.62 -11.78 -23.46
CA GLU A 166 -9.67 -11.55 -24.90
C GLU A 166 -10.77 -10.57 -25.29
N LYS A 167 -11.93 -10.70 -24.66
CA LYS A 167 -13.05 -9.82 -24.96
C LYS A 167 -12.75 -8.37 -24.64
N LEU A 168 -12.11 -8.14 -23.50
CA LEU A 168 -11.70 -6.78 -23.13
C LEU A 168 -10.66 -6.23 -24.10
N GLN A 169 -9.68 -7.05 -24.46
CA GLN A 169 -8.60 -6.63 -25.36
C GLN A 169 -9.04 -6.29 -26.79
N GLU A 170 -9.95 -7.07 -27.34
CA GLU A 170 -10.36 -6.91 -28.74
C GLU A 170 -11.02 -5.56 -29.02
N PRO A 171 -11.85 -5.09 -28.10
CA PRO A 171 -12.49 -3.79 -28.29
C PRO A 171 -11.44 -2.68 -28.38
N LEU A 172 -10.38 -2.80 -27.58
CA LEU A 172 -9.29 -1.84 -27.60
C LEU A 172 -8.58 -1.83 -28.95
N LEU A 173 -8.38 -3.01 -29.51
CA LEU A 173 -7.72 -3.14 -30.81
C LEU A 173 -8.53 -2.46 -31.91
N ASP A 174 -9.85 -2.64 -31.86
CA ASP A 174 -10.73 -2.02 -32.84
C ASP A 174 -10.65 -0.51 -32.75
N VAL A 175 -10.66 0.01 -31.53
CA VAL A 175 -10.54 1.45 -31.31
C VAL A 175 -9.19 1.99 -31.78
N LEU A 176 -8.12 1.26 -31.46
CA LEU A 176 -6.78 1.65 -31.87
C LEU A 176 -6.64 1.65 -33.38
N GLN A 177 -7.25 0.66 -34.03
CA GLN A 177 -7.21 0.54 -35.48
C GLN A 177 -7.89 1.74 -36.15
N LYS A 178 -9.03 2.14 -35.61
CA LYS A 178 -9.76 3.30 -36.11
C LYS A 178 -8.94 4.58 -35.94
N LEU A 179 -8.25 4.67 -34.81
CA LEU A 179 -7.45 5.84 -34.49
C LEU A 179 -6.32 6.06 -35.49
N CYS A 180 -5.76 4.97 -35.97
CA CYS A 180 -4.65 5.04 -36.92
C CYS A 180 -5.09 5.73 -38.20
N LYS A 181 -6.28 5.38 -38.69
CA LYS A 181 -6.79 6.02 -39.88
C LYS A 181 -7.02 7.51 -39.68
N ILE A 182 -7.67 7.88 -38.58
CA ILE A 182 -7.90 9.29 -38.31
C ILE A 182 -6.61 10.09 -38.06
N HIS A 183 -5.78 9.59 -37.15
CA HIS A 183 -4.49 10.22 -36.86
C HIS A 183 -3.48 10.16 -38.00
N GLN A 184 -3.43 9.01 -38.68
CA GLN A 184 -2.53 8.83 -39.81
C GLN A 184 -3.29 8.27 -41.01
N PRO A 185 -4.10 9.12 -41.65
CA PRO A 185 -4.90 8.70 -42.80
C PRO A 185 -4.03 8.26 -43.97
N GLU A 186 -2.90 8.94 -44.15
CA GLU A 186 -1.99 8.66 -45.25
C GLU A 186 -1.37 7.25 -45.20
N ASN A 187 -1.06 6.77 -44.00
CA ASN A 187 -0.45 5.45 -43.88
C ASN A 187 -1.46 4.40 -43.44
N PRO A 188 -1.69 3.41 -44.30
CA PRO A 188 -2.60 2.31 -43.99
C PRO A 188 -1.90 1.19 -43.22
N GLN A 189 -0.58 1.26 -43.16
CA GLN A 189 0.22 0.23 -42.49
C GLN A 189 0.51 0.56 -41.03
N HIS A 190 0.00 1.69 -40.56
CA HIS A 190 0.30 2.18 -39.22
C HIS A 190 -0.13 1.23 -38.10
N PHE A 191 -1.32 0.65 -38.22
CA PHE A 191 -1.81 -0.27 -37.22
C PHE A 191 -0.92 -1.50 -37.11
N ALA A 192 -0.46 -2.00 -38.25
CA ALA A 192 0.44 -3.14 -38.30
C ALA A 192 1.78 -2.82 -37.64
N CYS A 193 2.27 -1.60 -37.88
CA CYS A 193 3.53 -1.17 -37.30
C CYS A 193 3.49 -1.09 -35.77
N LEU A 194 2.38 -0.60 -35.23
CA LEU A 194 2.19 -0.55 -33.78
C LEU A 194 2.16 -1.93 -33.16
N LEU A 195 1.48 -2.86 -33.83
CA LEU A 195 1.43 -4.24 -33.39
C LEU A 195 2.80 -4.91 -33.43
N GLY A 196 3.59 -4.56 -34.43
CA GLY A 196 4.93 -5.07 -34.59
C GLY A 196 5.86 -4.68 -33.46
N ARG A 197 5.69 -3.46 -32.98
CA ARG A 197 6.47 -2.93 -31.87
C ARG A 197 6.22 -3.72 -30.59
N LEU A 198 4.99 -4.18 -30.42
CA LEU A 198 4.61 -4.97 -29.26
C LEU A 198 5.40 -6.28 -29.26
N THR A 199 5.60 -6.83 -30.44
CA THR A 199 6.43 -8.01 -30.61
C THR A 199 7.87 -7.70 -30.21
N GLU A 200 8.34 -6.50 -30.55
CA GLU A 200 9.65 -6.03 -30.14
C GLU A 200 9.66 -5.72 -28.64
N LEU A 201 8.51 -5.31 -28.13
CA LEU A 201 8.31 -5.08 -26.70
C LEU A 201 8.39 -6.37 -25.87
N ARG A 202 7.88 -7.46 -26.42
CA ARG A 202 7.87 -8.75 -25.75
C ARG A 202 9.27 -9.27 -25.45
N THR A 203 10.23 -8.82 -26.25
CA THR A 203 11.62 -9.24 -26.14
C THR A 203 12.24 -8.88 -24.80
N PHE A 204 11.80 -7.75 -24.25
CA PHE A 204 12.39 -7.17 -23.06
C PHE A 204 12.29 -8.02 -21.80
N ASN A 205 11.28 -8.88 -21.74
CA ASN A 205 11.10 -9.71 -20.55
C ASN A 205 12.32 -10.61 -20.36
N HIS A 206 12.78 -11.23 -21.43
CA HIS A 206 14.02 -11.99 -21.38
C HIS A 206 15.18 -11.06 -21.07
N HIS A 207 15.22 -9.91 -21.74
CA HIS A 207 16.27 -8.93 -21.50
C HIS A 207 16.21 -8.41 -20.07
N HIS A 208 15.00 -8.10 -19.61
CA HIS A 208 14.81 -7.64 -18.25
C HIS A 208 15.19 -8.71 -17.23
N ALA A 209 14.85 -9.95 -17.54
CA ALA A 209 15.14 -11.06 -16.64
C ALA A 209 16.64 -11.23 -16.47
N GLU A 210 17.39 -11.09 -17.56
CA GLU A 210 18.84 -11.15 -17.50
C GLU A 210 19.44 -10.02 -16.66
N MET A 211 18.85 -8.83 -16.78
CA MET A 211 19.31 -7.67 -16.03
C MET A 211 19.18 -7.90 -14.53
N LEU A 212 18.09 -8.56 -14.15
CA LEU A 212 17.80 -8.87 -12.76
C LEU A 212 18.87 -9.78 -12.16
N MET A 213 19.35 -10.69 -12.99
CA MET A 213 20.33 -11.71 -12.60
C MET A 213 21.63 -11.07 -12.15
N SER A 214 22.03 -10.02 -12.85
CA SER A 214 23.18 -9.22 -12.42
C SER A 214 22.71 -8.30 -11.30
N TRP A 215 22.87 -8.75 -10.07
CA TRP A 215 22.39 -8.02 -8.89
C TRP A 215 22.98 -6.62 -8.76
N ARG A 216 22.15 -5.67 -8.34
CA ARG A 216 22.59 -4.30 -8.12
C ARG A 216 21.86 -3.68 -6.95
N LYS A 221 16.93 -1.13 -4.69
CA LYS A 221 17.70 -2.35 -4.96
C LYS A 221 17.43 -3.42 -3.90
N PHE A 222 16.17 -3.83 -3.77
CA PHE A 222 15.09 -3.34 -4.61
C PHE A 222 13.91 -2.95 -3.73
N THR A 223 13.03 -2.11 -4.26
CA THR A 223 11.87 -1.66 -3.52
C THR A 223 10.90 -2.81 -3.27
N PRO A 224 10.11 -2.71 -2.21
CA PRO A 224 9.18 -3.80 -1.88
C PRO A 224 8.17 -4.02 -2.99
N LEU A 225 7.66 -2.94 -3.57
CA LEU A 225 6.70 -3.04 -4.66
C LEU A 225 7.31 -3.71 -5.89
N LEU A 226 8.53 -3.34 -6.23
CA LEU A 226 9.21 -3.89 -7.38
C LEU A 226 9.42 -5.40 -7.25
N CYS A 227 9.79 -5.83 -6.05
CA CYS A 227 10.07 -7.24 -5.80
C CYS A 227 8.85 -8.13 -6.00
N GLU A 228 7.69 -7.71 -5.53
CA GLU A 228 6.49 -8.49 -5.71
C GLU A 228 6.10 -8.66 -7.19
N ILE A 229 6.09 -7.54 -7.92
CA ILE A 229 5.77 -7.57 -9.34
C ILE A 229 6.78 -8.34 -10.18
N TRP A 230 8.06 -8.16 -9.87
CA TRP A 230 9.12 -8.77 -10.64
C TRP A 230 9.44 -10.19 -10.17
N ASP A 231 8.77 -10.61 -9.11
CA ASP A 231 8.98 -11.94 -8.55
C ASP A 231 10.44 -12.15 -8.12
N VAL A 232 11.04 -11.09 -7.59
CA VAL A 232 12.39 -11.16 -7.08
C VAL A 232 12.46 -12.07 -5.87
N GLN A 233 13.37 -13.03 -5.89
CA GLN A 233 13.52 -13.98 -4.81
C GLN A 233 12.19 -14.63 -4.46
N MET B 4 4.93 15.93 38.91
CA MET B 4 6.22 16.35 38.37
C MET B 4 6.05 17.07 37.03
N GLU B 5 6.66 18.24 36.90
CA GLU B 5 6.55 19.03 35.68
C GLU B 5 7.27 18.35 34.52
N LEU B 6 6.67 18.42 33.34
CA LEU B 6 7.27 17.84 32.15
C LEU B 6 8.56 18.57 31.75
N THR B 7 9.56 17.80 31.36
CA THR B 7 10.80 18.37 30.86
C THR B 7 10.57 18.99 29.49
N PRO B 8 11.44 19.89 29.07
CA PRO B 8 11.25 20.54 27.77
C PRO B 8 11.29 19.49 26.65
N ASP B 9 12.22 18.55 26.76
CA ASP B 9 12.29 17.44 25.82
C ASP B 9 11.03 16.59 25.91
N GLN B 10 10.56 16.36 27.13
CA GLN B 10 9.36 15.57 27.37
C GLN B 10 8.14 16.22 26.75
N GLN B 11 8.04 17.54 26.89
CA GLN B 11 6.93 18.28 26.32
C GLN B 11 6.95 18.14 24.80
N THR B 12 8.15 18.23 24.22
CA THR B 12 8.31 18.07 22.79
C THR B 12 7.92 16.66 22.36
N LEU B 13 8.35 15.67 23.12
CA LEU B 13 8.05 14.28 22.82
C LEU B 13 6.55 14.02 22.87
N LEU B 14 5.89 14.56 23.89
CA LEU B 14 4.45 14.39 24.04
C LEU B 14 3.70 15.02 22.87
N HIS B 15 4.15 16.19 22.45
CA HIS B 15 3.55 16.90 21.34
C HIS B 15 3.68 16.11 20.04
N PHE B 16 4.85 15.54 19.80
CA PHE B 16 5.07 14.76 18.59
C PHE B 16 4.16 13.54 18.54
N ILE B 17 4.07 12.81 19.65
CA ILE B 17 3.18 11.68 19.74
C ILE B 17 1.72 12.14 19.60
N MET B 18 1.40 13.24 20.26
CA MET B 18 0.05 13.80 20.20
C MET B 18 -0.32 14.25 18.79
N ASP B 19 0.60 14.88 18.09
CA ASP B 19 0.35 15.30 16.72
C ASP B 19 0.10 14.12 15.82
N SER B 20 0.90 13.07 15.97
CA SER B 20 0.68 11.82 15.25
C SER B 20 -0.62 11.11 15.63
N TYR B 21 -0.90 11.05 16.93
CA TYR B 21 -2.09 10.36 17.44
C TYR B 21 -3.40 10.98 16.99
N ASN B 22 -3.41 12.31 16.90
CA ASN B 22 -4.60 13.08 16.55
C ASN B 22 -5.17 12.79 15.16
N LYS B 23 -4.28 12.46 14.23
CA LYS B 23 -4.63 12.29 12.83
C LYS B 23 -5.65 11.18 12.60
N GLN B 24 -5.50 10.10 13.34
CA GLN B 24 -6.38 8.95 13.23
C GLN B 24 -7.84 9.37 13.39
N ARG B 25 -8.70 8.77 12.57
CA ARG B 25 -10.14 9.00 12.66
C ARG B 25 -10.85 7.83 11.99
N MET B 26 -12.14 7.68 12.27
CA MET B 26 -12.90 6.59 11.70
C MET B 26 -13.59 7.09 10.44
N PRO B 27 -13.41 6.38 9.34
CA PRO B 27 -14.04 6.81 8.08
C PRO B 27 -15.55 6.85 8.23
N GLN B 28 -16.17 7.84 7.61
CA GLN B 28 -17.61 8.08 7.74
C GLN B 28 -18.37 6.86 7.24
N GLU B 29 -17.79 6.19 6.25
CA GLU B 29 -18.41 5.05 5.62
C GLU B 29 -18.61 3.94 6.64
N ILE B 30 -17.59 3.71 7.47
CA ILE B 30 -17.69 2.73 8.55
C ILE B 30 -18.75 3.15 9.57
N THR B 31 -18.74 4.43 9.95
CA THR B 31 -19.68 4.94 10.93
C THR B 31 -21.11 4.83 10.40
N ASN B 32 -21.27 5.11 9.11
CA ASN B 32 -22.55 4.97 8.43
C ASN B 32 -23.05 3.53 8.40
N LYS B 33 -22.12 2.60 8.22
CA LYS B 33 -22.45 1.18 8.20
C LYS B 33 -23.10 0.75 9.51
N ILE B 34 -22.46 1.11 10.61
CA ILE B 34 -22.95 0.76 11.94
C ILE B 34 -24.39 1.21 12.15
N LEU B 35 -24.73 2.35 11.56
CA LEU B 35 -26.04 2.95 11.77
C LEU B 35 -27.05 2.60 10.68
N LYS B 36 -26.58 2.38 9.45
CA LYS B 36 -27.47 2.20 8.32
C LYS B 36 -27.40 0.84 7.63
N GLU B 37 -26.41 0.02 7.96
CA GLU B 37 -26.25 -1.27 7.31
C GLU B 37 -27.19 -2.33 7.89
N GLU B 38 -27.55 -3.28 7.06
CA GLU B 38 -28.41 -4.38 7.46
C GLU B 38 -27.82 -5.10 8.66
N PHE B 39 -28.68 -5.73 9.46
CA PHE B 39 -28.22 -6.45 10.63
C PHE B 39 -28.19 -7.95 10.42
N SER B 40 -26.97 -8.50 10.42
CA SER B 40 -26.77 -9.94 10.32
C SER B 40 -25.42 -10.27 10.94
N ALA B 41 -25.25 -11.51 11.38
CA ALA B 41 -23.97 -11.89 11.95
C ALA B 41 -22.88 -11.75 10.88
N GLU B 42 -23.17 -12.24 9.68
CA GLU B 42 -22.24 -12.10 8.58
C GLU B 42 -22.04 -10.63 8.19
N GLU B 43 -23.13 -9.88 8.09
CA GLU B 43 -23.06 -8.46 7.77
C GLU B 43 -22.33 -7.68 8.87
N ASN B 44 -22.63 -8.03 10.12
CA ASN B 44 -21.95 -7.44 11.27
C ASN B 44 -20.46 -7.75 11.27
N PHE B 45 -20.13 -8.98 10.89
CA PHE B 45 -18.74 -9.45 10.87
C PHE B 45 -17.93 -8.61 9.91
N LEU B 46 -18.54 -8.30 8.77
CA LEU B 46 -17.88 -7.50 7.74
C LEU B 46 -17.55 -6.08 8.23
N ILE B 47 -18.48 -5.47 8.95
CA ILE B 47 -18.28 -4.13 9.47
C ILE B 47 -17.09 -4.12 10.44
N LEU B 48 -17.04 -5.12 11.31
CA LEU B 48 -15.96 -5.25 12.27
C LEU B 48 -14.63 -5.46 11.57
N THR B 49 -14.64 -6.28 10.52
CA THR B 49 -13.43 -6.55 9.75
C THR B 49 -12.91 -5.27 9.10
N GLU B 50 -13.84 -4.48 8.58
CA GLU B 50 -13.47 -3.21 7.97
C GLU B 50 -12.84 -2.27 8.99
N MET B 51 -13.42 -2.24 10.19
CA MET B 51 -12.90 -1.39 11.25
C MET B 51 -11.50 -1.82 11.66
N ALA B 52 -11.29 -3.12 11.78
CA ALA B 52 -9.97 -3.63 12.13
C ALA B 52 -8.95 -3.30 11.04
N THR B 53 -9.35 -3.44 9.79
CA THR B 53 -8.48 -3.10 8.67
C THR B 53 -8.13 -1.62 8.67
N ASN B 54 -9.13 -0.78 8.92
CA ASN B 54 -8.90 0.65 9.00
C ASN B 54 -7.95 0.96 10.15
N HIS B 55 -8.14 0.25 11.26
CA HIS B 55 -7.31 0.44 12.43
C HIS B 55 -5.85 0.11 12.15
N VAL B 56 -5.62 -0.99 11.43
CA VAL B 56 -4.26 -1.41 11.12
C VAL B 56 -3.58 -0.33 10.29
N GLN B 57 -4.31 0.24 9.36
CA GLN B 57 -3.76 1.31 8.52
C GLN B 57 -3.41 2.51 9.38
N VAL B 58 -4.31 2.85 10.30
CA VAL B 58 -4.06 3.94 11.25
C VAL B 58 -2.88 3.63 12.15
N LEU B 59 -2.81 2.38 12.60
CA LEU B 59 -1.76 1.93 13.50
C LEU B 59 -0.37 2.02 12.88
N VAL B 60 -0.27 1.64 11.61
CA VAL B 60 0.99 1.71 10.90
C VAL B 60 1.47 3.14 10.76
N GLU B 61 0.54 4.04 10.45
CA GLU B 61 0.90 5.45 10.32
C GLU B 61 1.38 6.01 11.65
N PHE B 62 0.66 5.69 12.72
CA PHE B 62 1.06 6.11 14.06
C PHE B 62 2.40 5.52 14.49
N THR B 63 2.58 4.22 14.25
CA THR B 63 3.82 3.54 14.62
C THR B 63 5.07 4.05 13.89
N LYS B 64 4.97 4.25 12.58
CA LYS B 64 6.10 4.74 11.80
C LYS B 64 6.51 6.14 12.24
N LYS B 65 5.52 6.95 12.55
CA LYS B 65 5.72 8.32 13.00
C LYS B 65 6.42 8.39 14.36
N LEU B 66 6.40 7.28 15.09
CA LEU B 66 6.90 7.28 16.45
C LEU B 66 8.36 7.69 16.47
N PRO B 67 8.75 8.53 17.42
CA PRO B 67 10.13 9.02 17.44
C PRO B 67 11.12 7.90 17.67
N GLY B 68 12.12 7.80 16.80
CA GLY B 68 13.17 6.81 16.92
C GLY B 68 12.80 5.44 16.38
N PHE B 69 11.56 5.30 15.90
CA PHE B 69 11.11 4.08 15.26
C PHE B 69 11.89 3.79 13.98
N GLN B 70 12.22 4.87 13.26
CA GLN B 70 12.94 4.78 12.00
C GLN B 70 14.32 4.17 12.20
N THR B 71 14.91 4.48 13.36
CA THR B 71 16.25 4.04 13.72
C THR B 71 16.35 2.52 13.82
N LEU B 72 15.26 1.91 14.27
CA LEU B 72 15.24 0.48 14.54
C LEU B 72 15.38 -0.35 13.27
N ASP B 73 15.84 -1.58 13.45
CA ASP B 73 16.09 -2.50 12.35
C ASP B 73 14.78 -2.79 11.65
N HIS B 74 14.85 -2.98 10.33
CA HIS B 74 13.65 -3.17 9.52
C HIS B 74 12.88 -4.42 9.95
N GLU B 75 13.61 -5.49 10.22
CA GLU B 75 13.00 -6.71 10.74
C GLU B 75 12.40 -6.43 12.11
N ASP B 76 13.11 -5.64 12.91
CA ASP B 76 12.65 -5.29 14.24
C ASP B 76 11.35 -4.49 14.18
N GLN B 77 11.27 -3.58 13.22
CA GLN B 77 10.09 -2.75 13.05
C GLN B 77 8.87 -3.59 12.74
N ILE B 78 9.05 -4.60 11.90
CA ILE B 78 7.96 -5.49 11.53
C ILE B 78 7.45 -6.28 12.74
N ALA B 79 8.35 -6.75 13.57
CA ALA B 79 7.97 -7.52 14.75
C ALA B 79 7.13 -6.68 15.71
N LEU B 80 7.55 -5.44 15.93
CA LEU B 80 6.82 -4.55 16.81
C LEU B 80 5.41 -4.26 16.29
N LEU B 81 5.31 -3.98 14.99
CA LEU B 81 4.00 -3.75 14.38
C LEU B 81 3.12 -5.00 14.42
N LYS B 82 3.70 -6.14 14.07
CA LYS B 82 2.98 -7.41 14.14
C LYS B 82 2.61 -7.78 15.58
N GLY B 83 3.55 -7.55 16.49
CA GLY B 83 3.35 -7.86 17.90
C GLY B 83 2.27 -7.06 18.61
N SER B 84 2.18 -5.77 18.29
CA SER B 84 1.26 -4.88 18.99
C SER B 84 -0.13 -4.80 18.37
N ALA B 85 -0.33 -5.45 17.24
CA ALA B 85 -1.56 -5.24 16.49
C ALA B 85 -2.80 -5.66 17.27
N VAL B 86 -2.79 -6.85 17.84
CA VAL B 86 -3.93 -7.29 18.64
C VAL B 86 -4.14 -6.43 19.88
N GLU B 87 -3.06 -6.16 20.61
CA GLU B 87 -3.15 -5.32 21.80
C GLU B 87 -3.57 -3.90 21.44
N ALA B 88 -2.98 -3.36 20.38
CA ALA B 88 -3.27 -2.01 19.94
C ALA B 88 -4.71 -1.85 19.50
N MET B 89 -5.24 -2.84 18.80
CA MET B 89 -6.59 -2.78 18.28
C MET B 89 -7.62 -2.69 19.39
N PHE B 90 -7.45 -3.52 20.42
CA PHE B 90 -8.35 -3.50 21.56
C PHE B 90 -8.29 -2.19 22.34
N LEU B 91 -7.09 -1.67 22.54
CA LEU B 91 -6.92 -0.41 23.25
C LEU B 91 -7.56 0.77 22.52
N ARG B 92 -7.37 0.82 21.20
CA ARG B 92 -7.98 1.86 20.39
C ARG B 92 -9.49 1.68 20.34
N SER B 93 -9.93 0.42 20.40
CA SER B 93 -11.35 0.09 20.38
C SER B 93 -12.02 0.60 21.64
N ALA B 94 -11.30 0.53 22.75
CA ALA B 94 -11.79 1.00 24.04
C ALA B 94 -12.07 2.50 23.97
N GLU B 95 -11.10 3.25 23.49
CA GLU B 95 -11.27 4.69 23.30
C GLU B 95 -12.60 4.97 22.63
N ILE B 96 -13.12 3.97 21.92
CA ILE B 96 -14.39 4.12 21.21
C ILE B 96 -15.44 4.87 22.01
N PHE B 97 -15.57 4.54 23.30
CA PHE B 97 -16.53 5.23 24.14
C PHE B 97 -16.05 6.63 24.52
N ASN B 98 -15.00 7.07 23.83
CA ASN B 98 -14.46 8.41 23.95
C ASN B 98 -14.76 9.24 22.71
N LYS B 99 -15.12 8.56 21.63
CA LYS B 99 -15.40 9.22 20.36
C LYS B 99 -16.84 8.97 19.90
N LYS B 100 -17.22 7.70 19.83
CA LYS B 100 -18.56 7.34 19.40
C LYS B 100 -19.61 7.73 20.44
N LEU B 101 -20.52 8.60 20.04
CA LEU B 101 -21.58 9.05 20.93
C LEU B 101 -22.40 7.88 21.43
N GLY B 104 -26.97 6.70 20.47
CA GLY B 104 -27.11 5.26 20.36
C GLY B 104 -26.04 4.64 19.50
N HIS B 105 -25.19 5.47 18.94
CA HIS B 105 -24.08 5.01 18.11
C HIS B 105 -23.37 3.81 18.73
N SER B 106 -23.18 3.87 20.04
CA SER B 106 -22.32 2.90 20.73
C SER B 106 -23.08 1.60 20.94
N ASP B 107 -24.36 1.74 21.26
CA ASP B 107 -25.21 0.57 21.49
C ASP B 107 -25.32 -0.26 20.23
N LEU B 108 -25.45 0.42 19.08
CA LEU B 108 -25.56 -0.29 17.81
C LEU B 108 -24.30 -1.08 17.50
N LEU B 109 -23.14 -0.48 17.75
CA LEU B 109 -21.89 -1.18 17.53
C LEU B 109 -21.78 -2.38 18.45
N GLU B 110 -22.17 -2.20 19.71
CA GLU B 110 -22.12 -3.27 20.68
C GLU B 110 -23.04 -4.42 20.30
N GLU B 111 -24.23 -4.09 19.81
CA GLU B 111 -25.18 -5.10 19.39
C GLU B 111 -24.61 -5.91 18.24
N ARG B 112 -23.98 -5.20 17.30
CA ARG B 112 -23.36 -5.85 16.16
C ARG B 112 -22.23 -6.78 16.59
N ILE B 113 -21.40 -6.33 17.52
CA ILE B 113 -20.31 -7.15 18.01
C ILE B 113 -20.82 -8.40 18.74
N ARG B 114 -21.79 -8.21 19.61
CA ARG B 114 -22.47 -9.30 20.30
C ARG B 114 -23.22 -10.18 19.31
N ASN B 115 -23.74 -9.55 18.27
CA ASN B 115 -24.50 -10.24 17.22
C ASN B 115 -23.60 -10.74 16.08
N SER B 116 -22.30 -10.53 16.26
CA SER B 116 -21.28 -10.80 15.24
C SER B 116 -21.15 -12.27 14.88
N GLY B 117 -21.68 -13.13 15.76
CA GLY B 117 -21.48 -14.56 15.67
C GLY B 117 -20.31 -15.03 16.52
N ILE B 118 -19.66 -14.09 17.17
CA ILE B 118 -18.54 -14.38 18.07
C ILE B 118 -19.01 -15.09 19.32
N SER B 119 -18.15 -15.91 19.88
CA SER B 119 -18.47 -16.65 21.10
C SER B 119 -18.72 -15.70 22.26
N ASP B 120 -19.61 -16.08 23.16
CA ASP B 120 -19.95 -15.26 24.32
C ASP B 120 -18.77 -15.05 25.27
N GLU B 121 -17.95 -16.08 25.45
CA GLU B 121 -16.87 -16.02 26.42
C GLU B 121 -15.88 -14.91 26.07
N TYR B 122 -15.50 -14.83 24.81
CA TYR B 122 -14.56 -13.82 24.36
C TYR B 122 -15.13 -12.42 24.51
N ILE B 123 -16.42 -12.25 24.21
CA ILE B 123 -17.06 -10.94 24.25
C ILE B 123 -17.09 -10.30 25.63
N THR B 124 -17.47 -11.09 26.64
CA THR B 124 -17.62 -10.57 27.99
C THR B 124 -16.31 -10.04 28.54
N PRO B 125 -15.21 -10.76 28.31
CA PRO B 125 -13.92 -10.32 28.84
C PRO B 125 -13.49 -8.98 28.22
N MET B 126 -13.61 -8.85 26.91
CA MET B 126 -13.27 -7.59 26.24
C MET B 126 -14.17 -6.43 26.66
N PHE B 127 -15.47 -6.68 26.73
CA PHE B 127 -16.43 -5.68 27.18
C PHE B 127 -16.19 -5.30 28.63
N SER B 128 -15.82 -6.29 29.43
CA SER B 128 -15.44 -6.07 30.82
C SER B 128 -14.21 -5.17 30.82
N PHE B 129 -13.33 -5.40 29.85
CA PHE B 129 -12.11 -4.64 29.71
C PHE B 129 -12.41 -3.17 29.45
N TYR B 130 -13.42 -2.91 28.64
CA TYR B 130 -13.81 -1.54 28.33
C TYR B 130 -14.26 -0.82 29.60
N LYS B 131 -15.07 -1.50 30.40
CA LYS B 131 -15.54 -0.93 31.65
C LYS B 131 -14.37 -0.68 32.57
N SER B 132 -13.46 -1.65 32.64
CA SER B 132 -12.29 -1.51 33.48
C SER B 132 -11.42 -0.36 32.99
N ILE B 133 -11.22 -0.29 31.68
CA ILE B 133 -10.52 0.84 31.06
C ILE B 133 -11.31 2.14 31.22
N GLY B 134 -12.63 2.03 31.13
CA GLY B 134 -13.54 3.15 31.28
C GLY B 134 -13.48 3.79 32.65
N GLU B 135 -13.25 2.96 33.66
CA GLU B 135 -13.16 3.40 35.05
C GLU B 135 -12.01 4.36 35.24
N LEU B 136 -10.96 4.15 34.45
CA LEU B 136 -9.75 4.95 34.50
C LEU B 136 -10.02 6.41 34.18
N LYS B 137 -10.98 6.66 33.29
CA LYS B 137 -11.26 8.03 32.86
C LYS B 137 -10.03 8.69 32.26
N MET B 138 -9.32 7.91 31.45
CA MET B 138 -8.07 8.35 30.84
C MET B 138 -8.24 9.51 29.87
N THR B 139 -7.26 10.41 29.89
CA THR B 139 -7.18 11.51 28.94
C THR B 139 -6.72 11.00 27.58
N GLN B 140 -6.90 11.84 26.56
CA GLN B 140 -6.49 11.50 25.20
C GLN B 140 -4.98 11.31 25.15
N GLU B 141 -4.27 12.14 25.90
CA GLU B 141 -2.82 12.05 25.98
C GLU B 141 -2.41 10.71 26.57
N GLU B 142 -3.15 10.26 27.57
CA GLU B 142 -2.86 8.99 28.22
C GLU B 142 -2.98 7.81 27.27
N TYR B 143 -4.02 7.84 26.44
CA TYR B 143 -4.24 6.78 25.47
C TYR B 143 -3.11 6.72 24.46
N ALA B 144 -2.70 7.87 23.96
CA ALA B 144 -1.64 7.94 22.98
C ALA B 144 -0.33 7.43 23.55
N LEU B 145 0.00 7.87 24.75
CA LEU B 145 1.21 7.42 25.42
C LEU B 145 1.16 5.93 25.71
N LEU B 146 0.00 5.46 26.19
CA LEU B 146 -0.17 4.06 26.50
C LEU B 146 -0.05 3.20 25.24
N THR B 147 -0.61 3.68 24.14
CA THR B 147 -0.53 2.97 22.88
C THR B 147 0.90 2.85 22.40
N ALA B 148 1.66 3.93 22.54
CA ALA B 148 3.05 3.95 22.11
C ALA B 148 3.88 2.94 22.89
N ILE B 149 3.64 2.85 24.19
CA ILE B 149 4.36 1.92 25.04
C ILE B 149 4.07 0.47 24.64
N VAL B 150 2.80 0.18 24.35
CA VAL B 150 2.43 -1.17 23.91
C VAL B 150 3.12 -1.49 22.58
N ILE B 151 3.05 -0.54 21.65
CA ILE B 151 3.68 -0.73 20.35
C ILE B 151 5.20 -0.86 20.46
N LEU B 152 5.81 0.03 21.23
CA LEU B 152 7.26 -0.03 21.42
C LEU B 152 7.58 -0.97 22.57
N SER B 153 7.38 -2.27 22.36
CA SER B 153 7.63 -3.23 23.42
C SER B 153 8.90 -4.05 23.19
N PRO B 154 9.79 -4.05 24.17
CA PRO B 154 11.02 -4.86 24.11
C PRO B 154 10.74 -6.35 24.04
N ASP B 155 9.66 -6.76 24.69
CA ASP B 155 9.28 -8.16 24.89
C ASP B 155 8.94 -8.97 23.64
N ARG B 156 8.53 -8.28 22.58
CA ARG B 156 7.94 -8.93 21.41
C ARG B 156 8.87 -9.91 20.73
N GLN B 157 8.28 -10.97 20.21
CA GLN B 157 9.02 -12.06 19.58
C GLN B 157 9.76 -11.61 18.33
N TYR B 158 10.91 -12.20 18.09
CA TYR B 158 11.69 -11.93 16.89
C TYR B 158 12.42 -10.59 16.89
N ILE B 159 12.67 -10.03 18.06
CA ILE B 159 13.38 -8.76 18.10
C ILE B 159 14.88 -9.01 18.19
N LYS B 160 15.60 -8.62 17.14
CA LYS B 160 17.06 -8.76 17.15
C LYS B 160 17.72 -7.90 18.23
N ASP B 161 17.28 -6.65 18.38
CA ASP B 161 17.81 -5.79 19.42
C ASP B 161 16.72 -5.32 20.39
N ARG B 162 16.58 -6.04 21.50
CA ARG B 162 15.64 -5.67 22.55
C ARG B 162 16.01 -4.34 23.24
N GLU B 163 17.31 -4.14 23.44
CA GLU B 163 17.81 -2.97 24.15
C GLU B 163 17.51 -1.64 23.44
N ALA B 164 17.60 -1.63 22.11
CA ALA B 164 17.30 -0.44 21.35
C ALA B 164 15.84 -0.03 21.51
N VAL B 165 14.95 -1.03 21.51
CA VAL B 165 13.53 -0.79 21.75
C VAL B 165 13.28 -0.26 23.16
N GLU B 166 14.03 -0.78 24.13
CA GLU B 166 13.86 -0.39 25.52
C GLU B 166 14.17 1.09 25.75
N LYS B 167 15.18 1.59 25.07
CA LYS B 167 15.56 3.00 25.20
C LYS B 167 14.44 3.92 24.74
N LEU B 168 13.80 3.57 23.63
CA LEU B 168 12.64 4.32 23.15
C LEU B 168 11.48 4.24 24.13
N GLN B 169 11.25 3.04 24.67
CA GLN B 169 10.14 2.80 25.59
C GLN B 169 10.22 3.55 26.91
N GLU B 170 11.41 3.62 27.50
CA GLU B 170 11.58 4.21 28.82
C GLU B 170 11.24 5.70 28.88
N PRO B 171 11.59 6.45 27.85
CA PRO B 171 11.27 7.87 27.81
C PRO B 171 9.76 8.09 27.87
N LEU B 172 9.02 7.26 27.15
CA LEU B 172 7.56 7.32 27.15
C LEU B 172 6.96 7.05 28.52
N LEU B 173 7.52 6.07 29.22
CA LEU B 173 7.04 5.70 30.54
C LEU B 173 7.22 6.85 31.53
N ASP B 174 8.34 7.54 31.44
CA ASP B 174 8.62 8.68 32.30
C ASP B 174 7.62 9.81 32.04
N VAL B 175 7.32 10.05 30.76
CA VAL B 175 6.35 11.07 30.39
C VAL B 175 4.94 10.73 30.89
N LEU B 176 4.55 9.48 30.71
CA LEU B 176 3.23 9.02 31.16
C LEU B 176 3.09 9.12 32.67
N GLN B 177 4.16 8.77 33.39
CA GLN B 177 4.14 8.80 34.84
C GLN B 177 3.89 10.21 35.35
N LYS B 178 4.56 11.18 34.74
CA LYS B 178 4.36 12.59 35.07
C LYS B 178 2.94 13.05 34.75
N LEU B 179 2.41 12.55 33.65
CA LEU B 179 1.07 12.90 33.20
C LEU B 179 0.02 12.44 34.21
N CYS B 180 0.23 11.27 34.78
CA CYS B 180 -0.74 10.71 35.72
C CYS B 180 -0.87 11.61 36.92
N LYS B 181 0.27 12.11 37.42
CA LYS B 181 0.23 13.04 38.54
C LYS B 181 -0.47 14.34 38.19
N ILE B 182 -0.12 14.94 37.05
CA ILE B 182 -0.77 16.18 36.65
C ILE B 182 -2.26 16.00 36.36
N HIS B 183 -2.59 15.02 35.53
CA HIS B 183 -3.97 14.72 35.18
C HIS B 183 -4.81 14.23 36.36
N GLN B 184 -4.20 13.40 37.20
CA GLN B 184 -4.87 12.87 38.39
C GLN B 184 -4.01 13.09 39.63
N PRO B 185 -3.94 14.33 40.10
CA PRO B 185 -3.13 14.67 41.27
C PRO B 185 -3.57 13.93 42.53
N GLU B 186 -4.88 13.74 42.65
CA GLU B 186 -5.48 13.06 43.79
C GLU B 186 -5.03 11.61 43.96
N ASN B 187 -4.87 10.90 42.84
CA ASN B 187 -4.48 9.49 42.91
C ASN B 187 -3.03 9.26 42.53
N PRO B 188 -2.24 8.74 43.46
CA PRO B 188 -0.84 8.42 43.20
C PRO B 188 -0.68 7.03 42.59
N GLN B 189 -1.75 6.25 42.60
CA GLN B 189 -1.71 4.88 42.10
C GLN B 189 -2.10 4.76 40.63
N HIS B 190 -2.38 5.91 40.01
CA HIS B 190 -2.88 5.93 38.64
C HIS B 190 -1.91 5.34 37.64
N PHE B 191 -0.63 5.65 37.77
CA PHE B 191 0.37 5.12 36.87
C PHE B 191 0.46 3.59 36.95
N ALA B 192 0.43 3.08 38.18
CA ALA B 192 0.44 1.64 38.41
C ALA B 192 -0.80 0.99 37.83
N CYS B 193 -1.94 1.66 38.00
CA CYS B 193 -3.20 1.17 37.48
C CYS B 193 -3.23 1.08 35.95
N LEU B 194 -2.67 2.09 35.29
CA LEU B 194 -2.57 2.07 33.83
C LEU B 194 -1.68 0.91 33.36
N LEU B 195 -0.58 0.71 34.07
CA LEU B 195 0.33 -0.40 33.80
C LEU B 195 -0.35 -1.75 34.02
N GLY B 196 -1.20 -1.80 35.04
CA GLY B 196 -1.95 -3.01 35.34
C GLY B 196 -2.88 -3.39 34.21
N ARG B 197 -3.46 -2.38 33.57
CA ARG B 197 -4.36 -2.61 32.44
C ARG B 197 -3.60 -3.26 31.28
N LEU B 198 -2.37 -2.82 31.07
CA LEU B 198 -1.53 -3.38 30.01
C LEU B 198 -1.43 -4.90 30.17
N THR B 199 -1.23 -5.34 31.40
CA THR B 199 -1.15 -6.77 31.70
C THR B 199 -2.45 -7.47 31.32
N GLU B 200 -3.57 -6.82 31.61
CA GLU B 200 -4.90 -7.28 31.18
C GLU B 200 -5.03 -7.29 29.66
N LEU B 201 -4.43 -6.29 29.02
CA LEU B 201 -4.42 -6.17 27.55
C LEU B 201 -3.72 -7.34 26.88
N ARG B 202 -2.67 -7.85 27.51
CA ARG B 202 -1.86 -8.95 26.96
C ARG B 202 -2.65 -10.24 26.81
N THR B 203 -3.75 -10.36 27.55
CA THR B 203 -4.58 -11.54 27.55
C THR B 203 -5.17 -11.83 26.17
N PHE B 204 -5.51 -10.75 25.50
CA PHE B 204 -6.27 -10.73 24.25
C PHE B 204 -5.58 -11.37 23.07
N ASN B 205 -4.25 -11.44 23.12
CA ASN B 205 -3.52 -12.09 22.06
C ASN B 205 -3.95 -13.56 22.01
N HIS B 206 -4.03 -14.17 23.18
CA HIS B 206 -4.57 -15.52 23.29
C HIS B 206 -6.03 -15.53 22.89
N HIS B 207 -6.76 -14.52 23.33
CA HIS B 207 -8.18 -14.41 22.99
C HIS B 207 -8.37 -14.24 21.48
N HIS B 208 -7.56 -13.37 20.88
CA HIS B 208 -7.61 -13.18 19.44
C HIS B 208 -7.22 -14.45 18.68
N ALA B 209 -6.19 -15.14 19.16
CA ALA B 209 -5.75 -16.36 18.51
C ALA B 209 -6.84 -17.43 18.55
N GLU B 210 -7.48 -17.56 19.71
CA GLU B 210 -8.62 -18.47 19.85
C GLU B 210 -9.80 -18.06 18.98
N MET B 211 -10.12 -16.77 18.97
CA MET B 211 -11.17 -16.24 18.10
C MET B 211 -10.83 -16.38 16.62
N LEU B 212 -9.57 -16.16 16.27
CA LEU B 212 -9.15 -16.32 14.89
C LEU B 212 -9.35 -17.77 14.44
N MET B 213 -9.30 -18.68 15.40
CA MET B 213 -9.49 -20.11 15.12
C MET B 213 -10.92 -20.37 14.70
N SER B 214 -11.85 -19.66 15.33
CA SER B 214 -13.26 -19.77 14.98
C SER B 214 -13.51 -19.03 13.67
N TRP B 215 -12.97 -19.57 12.59
CA TRP B 215 -13.11 -18.98 11.27
C TRP B 215 -14.54 -18.52 11.03
N LYS B 221 -14.78 -13.50 5.41
CA LYS B 221 -13.33 -13.65 5.29
C LYS B 221 -12.60 -12.43 5.84
N PHE B 222 -11.31 -12.33 5.53
CA PHE B 222 -10.49 -11.22 6.00
C PHE B 222 -9.82 -10.49 4.83
N THR B 223 -9.39 -9.27 5.07
CA THR B 223 -8.72 -8.47 4.05
C THR B 223 -7.23 -8.79 3.95
N PRO B 224 -6.58 -8.20 2.97
CA PRO B 224 -5.15 -8.46 2.74
C PRO B 224 -4.29 -7.93 3.87
N LEU B 225 -4.63 -6.74 4.38
CA LEU B 225 -3.89 -6.14 5.48
C LEU B 225 -3.99 -6.96 6.78
N LEU B 226 -5.18 -7.43 7.09
CA LEU B 226 -5.38 -8.24 8.30
C LEU B 226 -4.61 -9.55 8.24
N CYS B 227 -4.65 -10.21 7.09
CA CYS B 227 -3.97 -11.50 6.94
C CYS B 227 -2.46 -11.38 7.12
N GLU B 228 -1.86 -10.36 6.52
CA GLU B 228 -0.43 -10.15 6.66
C GLU B 228 -0.05 -9.81 8.11
N ILE B 229 -0.77 -8.88 8.72
CA ILE B 229 -0.51 -8.47 10.10
C ILE B 229 -0.77 -9.58 11.12
N TRP B 230 -1.85 -10.33 10.93
CA TRP B 230 -2.24 -11.35 11.89
C TRP B 230 -1.62 -12.72 11.59
N ASP B 231 -0.85 -12.80 10.51
CA ASP B 231 -0.22 -14.06 10.12
C ASP B 231 -1.26 -15.12 9.81
N VAL B 232 -2.41 -14.70 9.29
CA VAL B 232 -3.48 -15.62 8.94
C VAL B 232 -3.03 -16.56 7.83
N GLN B 233 -3.81 -17.61 7.59
CA GLN B 233 -3.47 -18.59 6.57
C GLN B 233 -2.00 -18.98 6.67
N LYS C 1 -0.22 -13.42 2.92
CA LYS C 1 -0.26 -14.31 1.76
C LYS C 1 0.60 -13.76 0.63
N GLU C 2 0.84 -14.58 -0.38
CA GLU C 2 1.58 -14.16 -1.56
C GLU C 2 0.81 -13.08 -2.31
N ASN C 3 1.53 -12.09 -2.81
CA ASN C 3 0.94 -11.00 -3.57
C ASN C 3 -0.06 -10.16 -2.77
N ALA C 4 0.17 -10.06 -1.47
CA ALA C 4 -0.68 -9.25 -0.62
C ALA C 4 -0.61 -7.78 -1.01
N LEU C 5 0.60 -7.31 -1.29
CA LEU C 5 0.81 -5.92 -1.65
C LEU C 5 0.09 -5.52 -2.94
N LEU C 6 0.20 -6.36 -3.97
CA LEU C 6 -0.48 -6.09 -5.23
C LEU C 6 -2.00 -6.09 -5.07
N ARG C 7 -2.51 -7.07 -4.34
CA ARG C 7 -3.94 -7.16 -4.09
C ARG C 7 -4.44 -5.96 -3.30
N TYR C 8 -3.66 -5.54 -2.32
CA TYR C 8 -4.01 -4.38 -1.51
C TYR C 8 -4.06 -3.12 -2.37
N LEU C 9 -3.06 -2.96 -3.23
CA LEU C 9 -3.03 -1.85 -4.16
C LEU C 9 -4.18 -1.90 -5.17
N LEU C 10 -4.47 -3.08 -5.68
CA LEU C 10 -5.59 -3.27 -6.61
C LEU C 10 -6.93 -2.96 -5.95
N ASP C 11 -7.08 -3.39 -4.70
CA ASP C 11 -8.33 -3.20 -3.97
C ASP C 11 -8.43 -1.82 -3.34
N LYS C 12 -7.42 -0.99 -3.58
CA LYS C 12 -7.40 0.36 -3.06
C LYS C 12 -8.57 1.16 -3.63
N ASP C 13 -9.02 2.17 -2.89
CA ASP C 13 -10.13 3.00 -3.31
C ASP C 13 -11.28 2.15 -3.87
N GLU D 2 9.16 -11.97 2.97
CA GLU D 2 7.75 -11.75 3.25
C GLU D 2 7.51 -10.35 3.83
N ASN D 3 6.29 -10.11 4.28
CA ASN D 3 5.89 -8.83 4.86
C ASN D 3 6.07 -7.65 3.92
N ALA D 4 5.85 -7.88 2.62
CA ALA D 4 6.02 -6.82 1.65
C ALA D 4 5.03 -5.68 1.88
N LEU D 5 3.77 -6.03 2.12
CA LEU D 5 2.74 -5.02 2.32
C LEU D 5 3.02 -4.15 3.54
N LEU D 6 3.38 -4.79 4.65
CA LEU D 6 3.68 -4.05 5.87
C LEU D 6 4.89 -3.13 5.68
N ARG D 7 5.94 -3.65 5.06
CA ARG D 7 7.14 -2.87 4.80
C ARG D 7 6.85 -1.70 3.87
N TYR D 8 6.05 -1.96 2.84
CA TYR D 8 5.66 -0.90 1.91
C TYR D 8 4.86 0.18 2.63
N LEU D 9 3.93 -0.25 3.47
CA LEU D 9 3.13 0.69 4.25
C LEU D 9 4.01 1.43 5.24
N LEU D 10 5.08 0.78 5.66
CA LEU D 10 6.03 1.37 6.61
C LEU D 10 7.05 2.25 5.92
N ASP D 11 7.40 1.89 4.70
CA ASP D 11 8.44 2.60 3.96
C ASP D 11 7.89 3.70 3.06
N LYS D 12 6.65 4.10 3.31
CA LYS D 12 6.03 5.14 2.48
C LYS D 12 5.86 6.46 3.22
N ASP D 13 5.06 7.35 2.63
CA ASP D 13 4.82 8.67 3.19
C ASP D 13 6.10 9.25 3.77
#